data_9K6O
#
_entry.id   9K6O
#
_cell.length_a   38.135
_cell.length_b   108.329
_cell.length_c   54.577
_cell.angle_alpha   90.00
_cell.angle_beta   95.64
_cell.angle_gamma   90.00
#
_symmetry.space_group_name_H-M   'P 1 21 1'
#
loop_
_entity.id
_entity.type
_entity.pdbx_description
1 polymer C5-Zn1-HEHE-1
2 non-polymer 'ZINC ION'
3 water water
#
_entity_poly.entity_id   1
_entity_poly.type   'polypeptide(L)'
_entity_poly.pdbx_seq_one_letter_code
;MGHHHHHHHHSSGLEVLFQGPGGTHEIVDRVLTELLKIGDEESIKLVTEALEKGEIKSAKEAVEVIKKIAKEKGLKELLQ
VLYIVAVEYAQEKGDEEIDKLAHEALRVRQEL
;
_entity_poly.pdbx_strand_id   A,B,C,D,E
#
loop_
_chem_comp.id
_chem_comp.type
_chem_comp.name
_chem_comp.formula
ZN non-polymer 'ZINC ION' 'Zn 2'
#
# COMPACT_ATOMS: atom_id res chain seq x y z
N GLY A 23 -22.35 -1.68 -4.06
CA GLY A 23 -22.74 -1.18 -5.38
C GLY A 23 -22.49 0.29 -5.54
N THR A 24 -23.56 1.10 -5.34
CA THR A 24 -23.41 2.54 -5.37
C THR A 24 -22.34 3.01 -4.39
N HIS A 25 -22.45 2.61 -3.13
CA HIS A 25 -21.53 3.09 -2.13
C HIS A 25 -20.12 2.56 -2.39
N GLU A 26 -20.02 1.41 -3.04
CA GLU A 26 -18.71 0.89 -3.41
C GLU A 26 -17.93 1.90 -4.26
N ILE A 27 -18.61 2.56 -5.19
CA ILE A 27 -17.95 3.55 -6.02
C ILE A 27 -17.79 4.87 -5.28
N VAL A 28 -18.90 5.40 -4.75
CA VAL A 28 -18.88 6.73 -4.16
C VAL A 28 -17.94 6.78 -2.96
N ASP A 29 -18.03 5.80 -2.07
CA ASP A 29 -17.27 5.90 -0.83
C ASP A 29 -15.77 5.87 -1.09
N ARG A 30 -15.32 5.04 -2.03
CA ARG A 30 -13.88 5.04 -2.35
C ARG A 30 -13.47 6.34 -3.04
N VAL A 31 -14.34 6.92 -3.86
CA VAL A 31 -14.04 8.22 -4.46
C VAL A 31 -13.85 9.26 -3.37
N LEU A 32 -14.75 9.26 -2.38
CA LEU A 32 -14.61 10.20 -1.27
C LEU A 32 -13.33 9.94 -0.48
N THR A 33 -13.03 8.67 -0.21
CA THR A 33 -11.78 8.34 0.47
C THR A 33 -10.58 8.86 -0.31
N GLU A 34 -10.59 8.71 -1.64
CA GLU A 34 -9.46 9.16 -2.44
C GLU A 34 -9.42 10.68 -2.54
N LEU A 35 -10.60 11.31 -2.62
CA LEU A 35 -10.66 12.77 -2.56
C LEU A 35 -10.13 13.29 -1.22
N LEU A 36 -10.46 12.62 -0.12
CA LEU A 36 -9.93 13.01 1.20
C LEU A 36 -8.40 12.96 1.22
N LYS A 37 -7.82 11.91 0.63
CA LYS A 37 -6.38 11.72 0.70
C LYS A 37 -5.62 12.83 -0.01
N ILE A 38 -6.26 13.54 -0.94
CA ILE A 38 -5.64 14.67 -1.60
C ILE A 38 -6.30 15.99 -1.23
N GLY A 39 -7.14 15.99 -0.20
CA GLY A 39 -7.77 17.22 0.24
C GLY A 39 -8.57 17.95 -0.82
N ASP A 40 -9.26 17.22 -1.70
CA ASP A 40 -10.09 17.90 -2.70
C ASP A 40 -11.43 18.20 -2.05
N GLU A 41 -11.43 19.25 -1.23
CA GLU A 41 -12.62 19.63 -0.45
C GLU A 41 -13.77 20.01 -1.37
N GLU A 42 -13.46 20.65 -2.50
CA GLU A 42 -14.49 21.07 -3.43
C GLU A 42 -15.21 19.86 -4.03
N SER A 43 -14.44 18.89 -4.54
CA SER A 43 -15.04 17.69 -5.08
C SER A 43 -15.77 16.88 -4.02
N ILE A 44 -15.29 16.89 -2.77
CA ILE A 44 -15.97 16.14 -1.71
C ILE A 44 -17.38 16.69 -1.50
N LYS A 45 -17.50 18.01 -1.43
CA LYS A 45 -18.82 18.65 -1.33
C LYS A 45 -19.76 18.17 -2.43
N LEU A 46 -19.32 18.31 -3.69
CA LEU A 46 -20.16 17.95 -4.83
C LEU A 46 -20.56 16.48 -4.81
N VAL A 47 -19.65 15.59 -4.42
CA VAL A 47 -19.94 14.17 -4.51
C VAL A 47 -20.94 13.75 -3.44
N THR A 48 -20.70 14.17 -2.19
CA THR A 48 -21.65 13.83 -1.13
C THR A 48 -23.00 14.48 -1.39
N GLU A 49 -23.00 15.67 -1.96
CA GLU A 49 -24.24 16.31 -2.41
C GLU A 49 -24.98 15.42 -3.39
N ALA A 50 -24.27 14.91 -4.41
CA ALA A 50 -24.88 14.00 -5.37
C ALA A 50 -25.37 12.73 -4.70
N LEU A 51 -24.59 12.18 -3.77
CA LEU A 51 -25.03 11.00 -3.04
C LEU A 51 -26.29 11.30 -2.22
N GLU A 52 -26.25 12.39 -1.43
CA GLU A 52 -27.35 12.70 -0.53
C GLU A 52 -28.66 12.93 -1.28
N LYS A 53 -28.59 13.41 -2.52
CA LYS A 53 -29.77 13.74 -3.32
C LYS A 53 -30.48 12.50 -3.84
N GLY A 54 -30.21 11.35 -3.21
CA GLY A 54 -30.86 10.10 -3.56
C GLY A 54 -30.84 9.70 -5.03
N GLU A 55 -30.11 10.45 -5.86
CA GLU A 55 -30.13 10.23 -7.30
C GLU A 55 -29.60 8.84 -7.65
N ILE A 56 -28.44 8.49 -7.12
CA ILE A 56 -27.63 7.40 -7.65
C ILE A 56 -28.15 6.07 -7.12
N LYS A 57 -28.58 5.20 -8.04
CA LYS A 57 -29.13 3.89 -7.69
C LYS A 57 -28.22 2.73 -8.11
N SER A 58 -27.07 3.00 -8.71
CA SER A 58 -26.17 1.93 -9.14
C SER A 58 -24.76 2.48 -9.26
N ALA A 59 -23.79 1.57 -9.29
CA ALA A 59 -22.41 1.97 -9.54
C ALA A 59 -22.25 2.62 -10.90
N LYS A 60 -23.00 2.13 -11.90
CA LYS A 60 -22.93 2.74 -13.23
C LYS A 60 -23.46 4.16 -13.21
N GLU A 61 -24.57 4.39 -12.51
CA GLU A 61 -25.07 5.75 -12.34
C GLU A 61 -24.10 6.60 -11.53
N ALA A 62 -23.42 5.98 -10.56
CA ALA A 62 -22.42 6.70 -9.77
C ALA A 62 -21.33 7.29 -10.65
N VAL A 63 -20.75 6.46 -11.52
CA VAL A 63 -19.69 6.93 -12.41
C VAL A 63 -20.24 8.00 -13.36
N GLU A 64 -21.46 7.79 -13.87
CA GLU A 64 -22.06 8.77 -14.79
C GLU A 64 -22.19 10.14 -14.14
N VAL A 65 -22.79 10.19 -12.94
CA VAL A 65 -23.06 11.46 -12.28
C VAL A 65 -21.75 12.17 -11.93
N ILE A 66 -20.76 11.43 -11.43
CA ILE A 66 -19.50 12.06 -11.03
C ILE A 66 -18.75 12.56 -12.25
N LYS A 67 -18.70 11.75 -13.32
CA LYS A 67 -18.03 12.17 -14.54
C LYS A 67 -18.67 13.44 -15.12
N LYS A 68 -19.99 13.53 -15.05
CA LYS A 68 -20.69 14.71 -15.58
C LYS A 68 -20.45 15.93 -14.70
N ILE A 69 -20.53 15.75 -13.37
CA ILE A 69 -20.13 16.82 -12.45
C ILE A 69 -18.73 17.33 -12.80
N ALA A 70 -17.77 16.41 -12.95
CA ALA A 70 -16.38 16.83 -13.08
C ALA A 70 -16.07 17.41 -14.46
N LYS A 71 -16.76 16.93 -15.50
CA LYS A 71 -16.58 17.55 -16.79
C LYS A 71 -17.13 18.98 -16.79
N GLU A 72 -18.30 19.19 -16.19
CA GLU A 72 -18.90 20.53 -16.14
C GLU A 72 -18.01 21.51 -15.38
N LYS A 73 -17.44 21.09 -14.25
CA LYS A 73 -16.64 21.98 -13.42
C LYS A 73 -15.18 22.00 -13.81
N GLY A 74 -14.74 21.12 -14.70
CA GLY A 74 -13.34 21.02 -15.04
C GLY A 74 -12.47 20.50 -13.91
N LEU A 75 -12.86 19.38 -13.31
CA LEU A 75 -12.19 18.83 -12.13
C LEU A 75 -11.29 17.66 -12.54
N LYS A 76 -10.03 17.99 -12.88
CA LYS A 76 -9.06 16.99 -13.33
C LYS A 76 -8.79 15.92 -12.28
N GLU A 77 -8.64 16.33 -11.02
CA GLU A 77 -8.31 15.36 -9.97
C GLU A 77 -9.48 14.44 -9.68
N LEU A 78 -10.72 14.92 -9.81
CA LEU A 78 -11.87 14.04 -9.62
C LEU A 78 -11.93 12.94 -10.69
N LEU A 79 -11.70 13.31 -11.96
CA LEU A 79 -11.75 12.33 -13.04
C LEU A 79 -10.67 11.27 -12.87
N GLN A 80 -9.45 11.69 -12.50
CA GLN A 80 -8.37 10.72 -12.24
C GLN A 80 -8.82 9.72 -11.18
N VAL A 81 -9.31 10.23 -10.04
CA VAL A 81 -9.83 9.34 -9.01
C VAL A 81 -10.97 8.49 -9.56
N LEU A 82 -11.86 9.11 -10.34
CA LEU A 82 -12.97 8.36 -10.94
C LEU A 82 -12.45 7.24 -11.84
N TYR A 83 -11.52 7.56 -12.75
CA TYR A 83 -10.99 6.50 -13.62
C TYR A 83 -10.49 5.32 -12.81
N ILE A 84 -9.68 5.59 -11.79
CA ILE A 84 -9.04 4.52 -11.01
C ILE A 84 -10.06 3.71 -10.24
N VAL A 85 -10.97 4.37 -9.56
CA VAL A 85 -11.95 3.62 -8.78
C VAL A 85 -12.82 2.77 -9.70
N ALA A 86 -13.21 3.33 -10.85
CA ALA A 86 -14.17 2.64 -11.70
C ALA A 86 -13.52 1.51 -12.51
N VAL A 87 -12.27 1.67 -12.98
CA VAL A 87 -11.67 0.54 -13.70
C VAL A 87 -11.45 -0.62 -12.76
N GLU A 88 -11.00 -0.34 -11.55
CA GLU A 88 -10.70 -1.41 -10.61
C GLU A 88 -11.97 -2.07 -10.11
N TYR A 89 -13.07 -1.32 -10.00
CA TYR A 89 -14.35 -1.95 -9.73
C TYR A 89 -14.79 -2.80 -10.93
N ALA A 90 -14.70 -2.23 -12.13
CA ALA A 90 -15.08 -2.98 -13.34
C ALA A 90 -14.20 -4.19 -13.56
N GLN A 91 -12.93 -4.13 -13.14
CA GLN A 91 -12.06 -5.30 -13.25
C GLN A 91 -12.50 -6.38 -12.27
N GLU A 92 -12.87 -5.99 -11.05
CA GLU A 92 -13.21 -6.97 -10.03
C GLU A 92 -14.50 -7.71 -10.37
N LYS A 93 -15.49 -7.00 -10.88
CA LYS A 93 -16.81 -7.58 -11.14
C LYS A 93 -17.03 -7.98 -12.59
N GLY A 94 -16.11 -7.63 -13.49
CA GLY A 94 -16.24 -8.00 -14.89
C GLY A 94 -17.24 -7.15 -15.65
N ASP A 95 -17.32 -5.87 -15.34
CA ASP A 95 -18.40 -5.00 -15.84
C ASP A 95 -17.88 -4.22 -17.04
N GLU A 96 -18.21 -4.69 -18.23
CA GLU A 96 -17.74 -4.04 -19.45
C GLU A 96 -18.28 -2.62 -19.57
N GLU A 97 -19.49 -2.36 -19.06
CA GLU A 97 -20.06 -1.02 -19.17
C GLU A 97 -19.33 -0.03 -18.29
N ILE A 98 -19.09 -0.38 -17.03
CA ILE A 98 -18.34 0.48 -16.13
C ILE A 98 -16.91 0.69 -16.64
N ASP A 99 -16.27 -0.39 -17.12
CA ASP A 99 -14.92 -0.24 -17.68
C ASP A 99 -14.93 0.80 -18.81
N LYS A 100 -15.91 0.70 -19.72
CA LYS A 100 -16.09 1.72 -20.75
C LYS A 100 -16.27 3.11 -20.13
N LEU A 101 -17.08 3.22 -19.08
CA LEU A 101 -17.33 4.52 -18.47
C LEU A 101 -16.08 5.08 -17.82
N ALA A 102 -15.27 4.21 -17.22
CA ALA A 102 -13.99 4.66 -16.66
C ALA A 102 -13.11 5.22 -17.76
N HIS A 103 -13.01 4.53 -18.90
CA HIS A 103 -12.20 5.06 -19.98
C HIS A 103 -12.78 6.36 -20.53
N GLU A 104 -14.11 6.52 -20.49
CA GLU A 104 -14.70 7.81 -20.87
C GLU A 104 -14.35 8.90 -19.84
N ALA A 105 -14.43 8.57 -18.55
CA ALA A 105 -13.91 9.49 -17.53
C ALA A 105 -12.51 9.98 -17.90
N LEU A 106 -11.63 9.04 -18.29
CA LEU A 106 -10.25 9.40 -18.60
C LEU A 106 -10.16 10.22 -19.88
N ARG A 107 -11.01 9.93 -20.87
CA ARG A 107 -10.97 10.72 -22.11
C ARG A 107 -11.38 12.17 -21.85
N VAL A 108 -12.41 12.37 -21.03
CA VAL A 108 -12.82 13.72 -20.68
C VAL A 108 -11.69 14.45 -19.97
N ARG A 109 -11.02 13.77 -19.05
CA ARG A 109 -9.92 14.39 -18.31
C ARG A 109 -8.82 14.85 -19.25
N GLN A 110 -8.38 13.97 -20.14
CA GLN A 110 -7.33 14.36 -21.09
C GLN A 110 -7.81 15.47 -22.01
N GLU A 111 -9.12 15.57 -22.24
CA GLU A 111 -9.71 16.66 -23.02
C GLU A 111 -10.17 17.81 -22.16
N LEU A 112 -9.37 18.21 -21.17
CA LEU A 112 -9.75 19.28 -20.25
C LEU A 112 -8.86 20.50 -20.43
N THR B 24 -8.62 -9.51 -19.84
CA THR B 24 -8.42 -9.38 -21.29
C THR B 24 -7.52 -8.17 -21.60
N HIS B 25 -7.85 -7.00 -21.04
CA HIS B 25 -6.95 -5.85 -21.09
C HIS B 25 -6.61 -5.35 -19.67
N GLU B 26 -6.57 -6.28 -18.71
CA GLU B 26 -6.14 -5.98 -17.34
C GLU B 26 -4.83 -5.22 -17.27
N ILE B 27 -3.92 -5.48 -18.20
CA ILE B 27 -2.60 -4.87 -18.08
C ILE B 27 -2.64 -3.40 -18.46
N VAL B 28 -3.31 -3.05 -19.56
CA VAL B 28 -3.33 -1.66 -19.99
C VAL B 28 -4.07 -0.78 -18.98
N ASP B 29 -5.12 -1.30 -18.33
CA ASP B 29 -5.82 -0.54 -17.29
C ASP B 29 -4.89 -0.20 -16.13
N ARG B 30 -4.11 -1.18 -15.69
CA ARG B 30 -3.18 -0.94 -14.60
C ARG B 30 -2.07 0.01 -15.03
N VAL B 31 -1.69 -0.04 -16.31
CA VAL B 31 -0.67 0.86 -16.83
C VAL B 31 -1.14 2.30 -16.82
N LEU B 32 -2.39 2.55 -17.25
CA LEU B 32 -2.90 3.93 -17.28
C LEU B 32 -3.03 4.50 -15.86
N THR B 33 -3.52 3.69 -14.90
CA THR B 33 -3.57 4.12 -13.51
C THR B 33 -2.20 4.60 -13.03
N GLU B 34 -1.14 3.86 -13.39
CA GLU B 34 0.21 4.23 -12.96
C GLU B 34 0.72 5.45 -13.73
N LEU B 35 0.42 5.54 -15.02
CA LEU B 35 0.80 6.72 -15.79
C LEU B 35 0.14 7.96 -15.22
N LEU B 36 -1.10 7.84 -14.75
CA LEU B 36 -1.79 8.99 -14.15
C LEU B 36 -1.01 9.51 -12.95
N LYS B 37 -0.60 8.63 -12.04
CA LYS B 37 0.09 9.09 -10.84
C LYS B 37 1.33 9.91 -11.17
N ILE B 38 2.06 9.54 -12.22
CA ILE B 38 3.24 10.29 -12.62
C ILE B 38 2.92 11.36 -13.68
N GLY B 39 1.64 11.56 -13.98
CA GLY B 39 1.23 12.62 -14.90
C GLY B 39 1.82 12.48 -16.28
N ASP B 40 1.91 11.25 -16.79
CA ASP B 40 2.50 10.98 -18.10
C ASP B 40 1.37 11.04 -19.13
N GLU B 41 0.92 12.23 -19.47
CA GLU B 41 -0.25 12.36 -20.33
C GLU B 41 0.00 11.88 -21.75
N GLU B 42 1.22 12.04 -22.21
CA GLU B 42 1.54 11.54 -23.55
C GLU B 42 1.42 10.02 -23.61
N SER B 43 1.93 9.32 -22.60
CA SER B 43 1.81 7.86 -22.62
C SER B 43 0.37 7.43 -22.49
N ILE B 44 -0.41 8.13 -21.66
CA ILE B 44 -1.85 7.85 -21.58
C ILE B 44 -2.47 7.94 -22.96
N LYS B 45 -2.14 9.00 -23.70
CA LYS B 45 -2.65 9.22 -25.04
C LYS B 45 -2.28 8.06 -25.96
N LEU B 46 -0.97 7.79 -26.08
CA LEU B 46 -0.53 6.75 -26.99
C LEU B 46 -1.05 5.39 -26.57
N VAL B 47 -1.12 5.12 -25.26
CA VAL B 47 -1.61 3.82 -24.82
C VAL B 47 -3.11 3.70 -25.10
N THR B 48 -3.88 4.75 -24.78
CA THR B 48 -5.32 4.69 -25.03
C THR B 48 -5.63 4.51 -26.51
N GLU B 49 -4.79 5.11 -27.38
CA GLU B 49 -4.96 4.95 -28.83
C GLU B 49 -4.86 3.49 -29.23
N ALA B 50 -3.83 2.80 -28.74
CA ALA B 50 -3.69 1.38 -29.04
C ALA B 50 -4.89 0.60 -28.55
N LEU B 51 -5.46 0.99 -27.40
CA LEU B 51 -6.62 0.30 -26.86
C LEU B 51 -7.85 0.54 -27.73
N GLU B 52 -8.02 1.78 -28.20
CA GLU B 52 -9.19 2.12 -29.01
C GLU B 52 -9.28 1.22 -30.23
N LYS B 53 -8.19 1.11 -31.00
CA LYS B 53 -8.09 0.36 -32.24
C LYS B 53 -8.22 -1.17 -32.08
N GLY B 54 -8.56 -1.75 -30.93
CA GLY B 54 -8.73 -3.19 -30.86
C GLY B 54 -7.45 -4.00 -30.88
N GLU B 55 -6.31 -3.36 -30.64
CA GLU B 55 -5.02 -4.05 -30.76
C GLU B 55 -4.80 -5.05 -29.62
N ILE B 56 -5.26 -4.72 -28.42
CA ILE B 56 -4.94 -5.48 -27.21
C ILE B 56 -6.14 -6.34 -26.83
N LYS B 57 -6.05 -7.65 -27.08
CA LYS B 57 -7.10 -8.57 -26.70
C LYS B 57 -6.64 -9.63 -25.71
N SER B 58 -5.37 -9.58 -25.29
CA SER B 58 -4.81 -10.52 -24.33
C SER B 58 -3.66 -9.84 -23.61
N ALA B 59 -3.26 -10.43 -22.48
CA ALA B 59 -2.13 -9.88 -21.73
C ALA B 59 -0.88 -9.77 -22.59
N LYS B 60 -0.55 -10.84 -23.32
CA LYS B 60 0.67 -10.85 -24.13
C LYS B 60 0.69 -9.70 -25.13
N GLU B 61 -0.41 -9.49 -25.86
CA GLU B 61 -0.48 -8.36 -26.80
C GLU B 61 -0.44 -7.02 -26.09
N ALA B 62 -0.93 -6.96 -24.85
CA ALA B 62 -0.81 -5.73 -24.08
C ALA B 62 0.64 -5.31 -23.95
N VAL B 63 1.49 -6.21 -23.47
CA VAL B 63 2.88 -5.86 -23.23
C VAL B 63 3.61 -5.59 -24.55
N GLU B 64 3.39 -6.44 -25.55
CA GLU B 64 4.06 -6.30 -26.84
C GLU B 64 3.76 -4.95 -27.48
N VAL B 65 2.47 -4.57 -27.51
CA VAL B 65 2.09 -3.32 -28.17
C VAL B 65 2.60 -2.13 -27.39
N ILE B 66 2.47 -2.17 -26.05
CA ILE B 66 2.92 -1.02 -25.26
C ILE B 66 4.44 -0.92 -25.31
N LYS B 67 5.14 -2.04 -25.24
CA LYS B 67 6.60 -2.02 -25.31
C LYS B 67 7.07 -1.47 -26.65
N LYS B 68 6.46 -1.96 -27.74
CA LYS B 68 6.79 -1.43 -29.05
C LYS B 68 6.55 0.07 -29.11
N ILE B 69 5.42 0.54 -28.59
CA ILE B 69 5.10 1.96 -28.66
C ILE B 69 6.09 2.78 -27.85
N ALA B 70 6.49 2.26 -26.67
CA ALA B 70 7.45 2.98 -25.84
C ALA B 70 8.85 2.98 -26.47
N LYS B 71 9.20 1.91 -27.17
CA LYS B 71 10.51 1.85 -27.82
C LYS B 71 10.66 2.96 -28.86
N GLU B 72 9.64 3.15 -29.72
CA GLU B 72 9.75 4.11 -30.82
C GLU B 72 9.68 5.54 -30.31
N LYS B 73 8.73 5.85 -29.44
CA LYS B 73 8.54 7.22 -28.98
C LYS B 73 9.49 7.62 -27.85
N GLY B 74 10.42 6.73 -27.47
CA GLY B 74 11.45 7.06 -26.50
C GLY B 74 10.94 7.42 -25.12
N LEU B 75 10.13 6.54 -24.54
CA LEU B 75 9.45 6.79 -23.26
C LEU B 75 10.01 5.79 -22.24
N LYS B 76 11.03 6.22 -21.51
CA LYS B 76 11.58 5.35 -20.48
C LYS B 76 10.61 5.15 -19.32
N GLU B 77 9.86 6.20 -18.96
CA GLU B 77 8.90 6.08 -17.86
C GLU B 77 7.79 5.08 -18.18
N LEU B 78 7.39 4.97 -19.45
CA LEU B 78 6.38 3.99 -19.83
C LEU B 78 6.91 2.57 -19.68
N LEU B 79 8.16 2.34 -20.10
CA LEU B 79 8.76 1.02 -19.95
C LEU B 79 8.93 0.64 -18.48
N GLN B 80 9.28 1.60 -17.64
CA GLN B 80 9.36 1.34 -16.21
C GLN B 80 8.01 0.88 -15.67
N VAL B 81 6.96 1.64 -15.97
CA VAL B 81 5.61 1.28 -15.54
C VAL B 81 5.21 -0.08 -16.11
N LEU B 82 5.53 -0.33 -17.38
CA LEU B 82 5.12 -1.58 -18.02
C LEU B 82 5.81 -2.79 -17.39
N TYR B 83 7.12 -2.67 -17.14
CA TYR B 83 7.82 -3.73 -16.43
C TYR B 83 7.14 -4.04 -15.11
N ILE B 84 6.89 -3.01 -14.29
CA ILE B 84 6.33 -3.25 -12.97
C ILE B 84 4.98 -3.92 -13.08
N VAL B 85 4.13 -3.38 -13.98
CA VAL B 85 2.79 -3.93 -14.16
C VAL B 85 2.86 -5.34 -14.70
N ALA B 86 3.64 -5.55 -15.78
CA ALA B 86 3.73 -6.88 -16.39
C ALA B 86 4.29 -7.91 -15.43
N VAL B 87 5.34 -7.56 -14.69
CA VAL B 87 5.99 -8.53 -13.81
C VAL B 87 5.09 -8.90 -12.64
N GLU B 88 4.33 -7.93 -12.11
CA GLU B 88 3.38 -8.25 -11.05
C GLU B 88 2.24 -9.10 -11.59
N TYR B 89 1.78 -8.80 -12.81
CA TYR B 89 0.79 -9.64 -13.46
C TYR B 89 1.31 -11.06 -13.62
N ALA B 90 2.56 -11.20 -14.08
CA ALA B 90 3.10 -12.54 -14.30
C ALA B 90 3.15 -13.32 -12.98
N GLN B 91 3.68 -12.68 -11.93
CA GLN B 91 3.68 -13.33 -10.62
C GLN B 91 2.26 -13.74 -10.20
N GLU B 92 1.27 -12.87 -10.42
CA GLU B 92 -0.08 -13.18 -9.97
C GLU B 92 -0.63 -14.43 -10.63
N LYS B 93 -0.44 -14.56 -11.95
CA LYS B 93 -1.06 -15.61 -12.73
C LYS B 93 -0.09 -16.75 -13.07
N GLY B 94 1.16 -16.66 -12.62
CA GLY B 94 2.15 -17.68 -12.96
C GLY B 94 2.44 -17.76 -14.45
N ASP B 95 2.49 -16.60 -15.11
CA ASP B 95 2.55 -16.49 -16.56
C ASP B 95 3.99 -16.19 -16.96
N GLU B 96 4.68 -17.22 -17.46
CA GLU B 96 6.10 -17.07 -17.74
C GLU B 96 6.35 -16.21 -18.98
N GLU B 97 5.47 -16.23 -19.97
CA GLU B 97 5.72 -15.41 -21.15
C GLU B 97 5.61 -13.92 -20.87
N ILE B 98 4.71 -13.52 -19.98
CA ILE B 98 4.61 -12.10 -19.64
C ILE B 98 5.87 -11.66 -18.90
N ASP B 99 6.34 -12.48 -17.96
CA ASP B 99 7.61 -12.21 -17.29
C ASP B 99 8.72 -11.93 -18.30
N LYS B 100 8.93 -12.85 -19.24
CA LYS B 100 9.93 -12.65 -20.30
C LYS B 100 9.71 -11.33 -21.04
N LEU B 101 8.45 -10.99 -21.33
CA LEU B 101 8.16 -9.73 -21.98
C LEU B 101 8.51 -8.54 -21.10
N ALA B 102 8.16 -8.61 -19.80
CA ALA B 102 8.50 -7.54 -18.87
C ALA B 102 10.00 -7.23 -18.87
N HIS B 103 10.85 -8.27 -18.86
CA HIS B 103 12.29 -8.03 -18.80
C HIS B 103 12.83 -7.44 -20.10
N GLU B 104 12.24 -7.82 -21.24
CA GLU B 104 12.58 -7.17 -22.51
C GLU B 104 12.27 -5.69 -22.45
N ALA B 105 11.11 -5.31 -21.88
CA ALA B 105 10.79 -3.88 -21.78
C ALA B 105 11.81 -3.17 -20.92
N LEU B 106 12.30 -3.84 -19.86
CA LEU B 106 13.33 -3.24 -19.04
C LEU B 106 14.62 -3.09 -19.84
N ARG B 107 14.97 -4.11 -20.63
CA ARG B 107 16.19 -4.04 -21.45
C ARG B 107 16.08 -2.91 -22.47
N VAL B 108 14.90 -2.75 -23.08
CA VAL B 108 14.70 -1.66 -24.03
C VAL B 108 14.89 -0.33 -23.33
N ARG B 109 14.43 -0.22 -22.09
CA ARG B 109 14.65 0.99 -21.31
C ARG B 109 16.14 1.23 -21.11
N GLN B 110 16.86 0.19 -20.66
CA GLN B 110 18.28 0.35 -20.31
C GLN B 110 19.14 0.74 -21.52
N GLU B 111 18.64 0.58 -22.74
CA GLU B 111 19.41 0.85 -23.95
C GLU B 111 19.04 2.16 -24.61
N LEU B 112 18.04 2.87 -24.09
CA LEU B 112 17.66 4.17 -24.63
C LEU B 112 18.76 5.19 -24.37
N GLY C 20 14.27 -22.83 -7.95
CA GLY C 20 14.04 -22.68 -9.38
C GLY C 20 13.68 -21.26 -9.80
N PRO C 21 13.51 -21.06 -11.12
CA PRO C 21 13.19 -19.71 -11.62
C PRO C 21 11.91 -19.11 -11.06
N GLY C 22 11.01 -19.93 -10.47
CA GLY C 22 9.83 -19.38 -9.82
C GLY C 22 10.21 -18.47 -8.68
N GLY C 23 11.02 -18.99 -7.75
CA GLY C 23 11.49 -18.18 -6.64
C GLY C 23 12.53 -17.15 -7.05
N THR C 24 13.37 -17.47 -8.04
CA THR C 24 14.33 -16.52 -8.57
C THR C 24 13.67 -15.19 -8.92
N HIS C 25 12.64 -15.23 -9.78
CA HIS C 25 12.05 -14.00 -10.27
C HIS C 25 11.20 -13.30 -9.21
N GLU C 26 10.61 -14.06 -8.29
CA GLU C 26 9.89 -13.44 -7.19
C GLU C 26 10.81 -12.52 -6.38
N ILE C 27 12.02 -12.98 -6.07
CA ILE C 27 13.00 -12.13 -5.38
C ILE C 27 13.46 -11.03 -6.30
N VAL C 28 13.98 -11.40 -7.48
CA VAL C 28 14.68 -10.44 -8.33
C VAL C 28 13.72 -9.39 -8.88
N ASP C 29 12.51 -9.81 -9.26
CA ASP C 29 11.63 -8.85 -9.91
C ASP C 29 11.11 -7.83 -8.93
N ARG C 30 10.83 -8.26 -7.68
CA ARG C 30 10.39 -7.32 -6.66
C ARG C 30 11.54 -6.38 -6.25
N VAL C 31 12.77 -6.90 -6.17
CA VAL C 31 13.92 -6.01 -5.95
C VAL C 31 14.00 -4.97 -7.07
N LEU C 32 13.94 -5.42 -8.33
CA LEU C 32 14.01 -4.48 -9.44
C LEU C 32 12.89 -3.45 -9.40
N THR C 33 11.66 -3.91 -9.13
CA THR C 33 10.53 -3.00 -8.96
C THR C 33 10.81 -1.93 -7.90
N GLU C 34 11.39 -2.34 -6.76
CA GLU C 34 11.65 -1.36 -5.69
C GLU C 34 12.79 -0.41 -6.06
N LEU C 35 13.77 -0.88 -6.84
CA LEU C 35 14.88 -0.02 -7.25
C LEU C 35 14.39 1.04 -8.22
N LEU C 36 13.52 0.66 -9.16
CA LEU C 36 12.89 1.64 -10.06
C LEU C 36 12.18 2.73 -9.26
N LYS C 37 11.50 2.35 -8.18
CA LYS C 37 10.72 3.29 -7.38
C LYS C 37 11.59 4.39 -6.77
N ILE C 38 12.81 4.06 -6.35
CA ILE C 38 13.75 5.05 -5.83
C ILE C 38 14.73 5.53 -6.88
N GLY C 39 14.59 5.07 -8.12
CA GLY C 39 15.43 5.59 -9.19
C GLY C 39 16.87 5.12 -9.14
N ASP C 40 17.14 3.91 -8.67
CA ASP C 40 18.51 3.45 -8.43
C ASP C 40 18.99 2.68 -9.66
N GLU C 41 19.33 3.42 -10.72
CA GLU C 41 19.75 2.78 -11.97
C GLU C 41 21.03 1.97 -11.79
N GLU C 42 21.92 2.38 -10.88
CA GLU C 42 23.17 1.65 -10.66
C GLU C 42 22.89 0.21 -10.24
N SER C 43 22.03 0.02 -9.24
CA SER C 43 21.66 -1.33 -8.80
C SER C 43 20.88 -2.08 -9.88
N ILE C 44 19.96 -1.41 -10.57
CA ILE C 44 19.20 -2.04 -11.64
C ILE C 44 20.14 -2.70 -12.63
N LYS C 45 21.13 -1.95 -13.11
CA LYS C 45 22.07 -2.51 -14.07
C LYS C 45 22.86 -3.67 -13.46
N LEU C 46 23.21 -3.56 -12.18
CA LEU C 46 24.00 -4.62 -11.56
C LEU C 46 23.19 -5.90 -11.38
N VAL C 47 21.92 -5.79 -10.98
CA VAL C 47 21.09 -6.97 -10.75
C VAL C 47 20.68 -7.61 -12.08
N THR C 48 20.19 -6.80 -13.03
CA THR C 48 19.82 -7.35 -14.34
C THR C 48 20.99 -8.01 -15.07
N GLU C 49 22.21 -7.51 -14.87
CA GLU C 49 23.33 -8.16 -15.56
C GLU C 49 23.69 -9.47 -14.88
N ALA C 50 23.63 -9.53 -13.55
CA ALA C 50 23.87 -10.78 -12.86
C ALA C 50 22.86 -11.84 -13.25
N LEU C 51 21.61 -11.42 -13.48
CA LEU C 51 20.57 -12.37 -13.86
C LEU C 51 20.81 -12.88 -15.28
N GLU C 52 21.14 -11.98 -16.21
CA GLU C 52 21.40 -12.40 -17.58
C GLU C 52 22.68 -13.22 -17.71
N LYS C 53 23.64 -13.07 -16.79
CA LYS C 53 24.87 -13.84 -16.82
C LYS C 53 24.74 -15.24 -16.19
N GLY C 54 23.54 -15.65 -15.78
CA GLY C 54 23.37 -16.96 -15.18
C GLY C 54 23.92 -17.07 -13.77
N GLU C 55 24.16 -15.94 -13.11
CA GLU C 55 24.65 -15.96 -11.74
C GLU C 55 23.57 -16.28 -10.71
N ILE C 56 22.30 -16.33 -11.13
CA ILE C 56 21.16 -16.40 -10.22
C ILE C 56 20.23 -17.48 -10.71
N LYS C 57 20.21 -18.63 -10.03
CA LYS C 57 19.39 -19.76 -10.47
C LYS C 57 18.40 -20.22 -9.41
N SER C 58 18.34 -19.55 -8.27
CA SER C 58 17.34 -19.86 -7.25
C SER C 58 17.12 -18.62 -6.40
N ALA C 59 16.01 -18.65 -5.64
CA ALA C 59 15.73 -17.59 -4.68
C ALA C 59 16.93 -17.35 -3.75
N LYS C 60 17.50 -18.43 -3.21
CA LYS C 60 18.61 -18.30 -2.27
C LYS C 60 19.82 -17.64 -2.93
N GLU C 61 20.16 -18.07 -4.15
CA GLU C 61 21.26 -17.47 -4.89
C GLU C 61 20.98 -16.01 -5.24
N ALA C 62 19.73 -15.68 -5.61
CA ALA C 62 19.37 -14.27 -5.82
C ALA C 62 19.76 -13.44 -4.60
N VAL C 63 19.29 -13.83 -3.43
CA VAL C 63 19.62 -13.09 -2.23
C VAL C 63 21.14 -13.05 -2.04
N GLU C 64 21.80 -14.19 -2.27
CA GLU C 64 23.23 -14.25 -2.03
C GLU C 64 24.00 -13.36 -2.99
N VAL C 65 23.65 -13.41 -4.28
CA VAL C 65 24.35 -12.60 -5.28
C VAL C 65 24.09 -11.11 -5.05
N ILE C 66 22.82 -10.73 -4.84
CA ILE C 66 22.51 -9.32 -4.67
C ILE C 66 23.14 -8.79 -3.40
N LYS C 67 23.16 -9.61 -2.34
CA LYS C 67 23.79 -9.21 -1.09
C LYS C 67 25.28 -8.91 -1.29
N LYS C 68 25.98 -9.76 -2.03
CA LYS C 68 27.41 -9.53 -2.19
C LYS C 68 27.68 -8.36 -3.13
N ILE C 69 26.89 -8.22 -4.20
CA ILE C 69 26.97 -7.04 -5.05
C ILE C 69 26.86 -5.78 -4.21
N ALA C 70 25.87 -5.74 -3.32
CA ALA C 70 25.61 -4.53 -2.55
C ALA C 70 26.70 -4.28 -1.53
N LYS C 71 27.24 -5.34 -0.92
CA LYS C 71 28.34 -5.18 0.00
C LYS C 71 29.58 -4.60 -0.69
N GLU C 72 29.90 -5.12 -1.88
CA GLU C 72 31.07 -4.68 -2.61
C GLU C 72 31.00 -3.21 -2.99
N LYS C 73 29.80 -2.73 -3.35
CA LYS C 73 29.63 -1.34 -3.78
C LYS C 73 29.06 -0.43 -2.69
N GLY C 74 28.92 -0.92 -1.46
CA GLY C 74 28.43 -0.09 -0.35
C GLY C 74 26.99 0.38 -0.51
N LEU C 75 26.15 -0.38 -1.22
CA LEU C 75 24.80 0.08 -1.58
C LEU C 75 23.80 -0.25 -0.46
N LYS C 76 23.81 0.60 0.57
CA LYS C 76 22.89 0.41 1.69
C LYS C 76 21.44 0.43 1.24
N GLU C 77 21.13 1.17 0.18
CA GLU C 77 19.76 1.22 -0.29
C GLU C 77 19.36 -0.09 -0.94
N LEU C 78 20.33 -0.80 -1.57
CA LEU C 78 19.98 -2.08 -2.17
C LEU C 78 19.83 -3.18 -1.11
N LEU C 79 20.57 -3.07 0.01
CA LEU C 79 20.47 -4.07 1.07
C LEU C 79 19.15 -3.90 1.80
N GLN C 80 18.70 -2.64 1.93
CA GLN C 80 17.40 -2.37 2.53
C GLN C 80 16.31 -3.04 1.72
N VAL C 81 16.26 -2.77 0.41
CA VAL C 81 15.31 -3.44 -0.48
C VAL C 81 15.45 -4.96 -0.37
N LEU C 82 16.69 -5.46 -0.39
CA LEU C 82 16.90 -6.91 -0.34
C LEU C 82 16.36 -7.50 0.96
N TYR C 83 16.66 -6.86 2.10
CA TYR C 83 16.14 -7.35 3.37
C TYR C 83 14.61 -7.44 3.30
N ILE C 84 13.96 -6.36 2.86
CA ILE C 84 12.49 -6.32 2.88
C ILE C 84 11.93 -7.43 2.00
N VAL C 85 12.40 -7.49 0.75
CA VAL C 85 11.91 -8.49 -0.20
C VAL C 85 12.17 -9.91 0.31
N ALA C 86 13.36 -10.16 0.87
CA ALA C 86 13.73 -11.51 1.29
C ALA C 86 12.95 -11.96 2.52
N VAL C 87 12.85 -11.11 3.56
CA VAL C 87 12.13 -11.58 4.75
C VAL C 87 10.65 -11.77 4.46
N GLU C 88 10.09 -10.96 3.57
CA GLU C 88 8.67 -11.16 3.27
C GLU C 88 8.48 -12.42 2.43
N TYR C 89 9.43 -12.69 1.52
CA TYR C 89 9.43 -13.97 0.82
C TYR C 89 9.63 -15.14 1.78
N ALA C 90 10.58 -15.00 2.72
CA ALA C 90 10.83 -16.09 3.66
C ALA C 90 9.59 -16.41 4.48
N GLN C 91 8.85 -15.38 4.90
CA GLN C 91 7.62 -15.64 5.65
C GLN C 91 6.57 -16.29 4.75
N GLU C 92 6.49 -15.83 3.50
CA GLU C 92 5.51 -16.37 2.54
C GLU C 92 5.76 -17.85 2.27
N LYS C 93 7.00 -18.24 2.02
CA LYS C 93 7.33 -19.61 1.66
C LYS C 93 7.74 -20.47 2.85
N GLY C 94 7.71 -19.94 4.07
CA GLY C 94 8.27 -20.65 5.20
C GLY C 94 9.72 -21.05 5.00
N ASP C 95 10.51 -20.21 4.31
CA ASP C 95 11.88 -20.53 3.92
C ASP C 95 12.86 -19.97 4.95
N GLU C 96 13.36 -20.82 5.84
CA GLU C 96 14.26 -20.36 6.89
C GLU C 96 15.64 -19.97 6.37
N GLU C 97 16.08 -20.50 5.22
CA GLU C 97 17.38 -20.08 4.73
C GLU C 97 17.32 -18.68 4.09
N ILE C 98 16.25 -18.36 3.36
CA ILE C 98 16.08 -16.99 2.89
C ILE C 98 16.06 -16.02 4.08
N ASP C 99 15.34 -16.37 5.14
CA ASP C 99 15.25 -15.47 6.30
C ASP C 99 16.63 -15.22 6.88
N LYS C 100 17.46 -16.26 7.04
CA LYS C 100 18.82 -16.07 7.55
C LYS C 100 19.62 -15.12 6.66
N LEU C 101 19.60 -15.37 5.35
CA LEU C 101 20.30 -14.48 4.41
C LEU C 101 19.78 -13.05 4.53
N ALA C 102 18.47 -12.89 4.73
CA ALA C 102 17.87 -11.56 4.85
C ALA C 102 18.41 -10.80 6.05
N HIS C 103 18.42 -11.45 7.22
CA HIS C 103 19.05 -10.82 8.38
C HIS C 103 20.53 -10.57 8.15
N GLU C 104 21.21 -11.45 7.41
CA GLU C 104 22.62 -11.22 7.07
C GLU C 104 22.77 -9.93 6.26
N ALA C 105 21.95 -9.77 5.23
CA ALA C 105 21.94 -8.56 4.43
C ALA C 105 21.79 -7.33 5.30
N LEU C 106 20.88 -7.38 6.29
CA LEU C 106 20.69 -6.25 7.19
C LEU C 106 21.95 -5.99 8.02
N ARG C 107 22.60 -7.06 8.50
CA ARG C 107 23.84 -6.89 9.26
C ARG C 107 24.93 -6.27 8.40
N VAL C 108 25.09 -6.76 7.16
CA VAL C 108 26.03 -6.15 6.23
C VAL C 108 25.75 -4.67 6.09
N ARG C 109 24.49 -4.31 5.81
CA ARG C 109 24.09 -2.91 5.70
C ARG C 109 24.46 -2.14 6.96
N GLN C 110 24.28 -2.75 8.12
CA GLN C 110 24.52 -2.01 9.36
C GLN C 110 26.00 -1.78 9.62
N GLU C 111 26.86 -2.68 9.15
CA GLU C 111 28.28 -2.57 9.42
C GLU C 111 28.99 -1.66 8.42
N LEU C 112 28.39 -1.40 7.26
CA LEU C 112 28.91 -0.40 6.33
C LEU C 112 28.84 0.99 6.92
N GLY D 20 6.62 -20.14 17.47
CA GLY D 20 7.94 -20.15 18.11
C GLY D 20 8.88 -19.12 17.50
N PRO D 21 9.95 -19.59 16.85
CA PRO D 21 10.72 -18.67 15.99
C PRO D 21 9.87 -18.08 14.88
N GLY D 22 8.84 -18.79 14.42
CA GLY D 22 7.89 -18.24 13.47
C GLY D 22 7.25 -16.95 13.97
N GLY D 23 6.59 -17.02 15.13
CA GLY D 23 5.97 -15.83 15.68
C GLY D 23 6.96 -14.74 16.05
N THR D 24 8.15 -15.14 16.55
CA THR D 24 9.20 -14.17 16.86
C THR D 24 9.54 -13.33 15.65
N HIS D 25 9.79 -13.99 14.52
CA HIS D 25 10.18 -13.25 13.32
C HIS D 25 9.02 -12.51 12.68
N GLU D 26 7.80 -13.03 12.78
CA GLU D 26 6.66 -12.28 12.23
C GLU D 26 6.55 -10.92 12.90
N ILE D 27 6.80 -10.84 14.22
CA ILE D 27 6.87 -9.56 14.91
C ILE D 27 8.17 -8.83 14.57
N VAL D 28 9.32 -9.46 14.80
CA VAL D 28 10.58 -8.71 14.75
C VAL D 28 10.87 -8.24 13.32
N ASP D 29 10.67 -9.12 12.33
CA ASP D 29 11.04 -8.80 10.96
C ASP D 29 10.20 -7.65 10.41
N ARG D 30 8.92 -7.56 10.76
CA ARG D 30 8.11 -6.44 10.27
C ARG D 30 8.50 -5.15 10.95
N VAL D 31 8.86 -5.21 12.24
CA VAL D 31 9.35 -4.02 12.93
C VAL D 31 10.59 -3.47 12.23
N LEU D 32 11.57 -4.34 11.96
CA LEU D 32 12.75 -3.93 11.21
C LEU D 32 12.37 -3.33 9.85
N THR D 33 11.47 -4.00 9.11
CA THR D 33 11.03 -3.47 7.83
C THR D 33 10.50 -2.06 7.98
N GLU D 34 9.61 -1.84 8.95
CA GLU D 34 9.03 -0.52 9.17
C GLU D 34 10.07 0.48 9.67
N LEU D 35 11.07 0.02 10.45
CA LEU D 35 12.10 0.94 10.91
C LEU D 35 13.00 1.39 9.76
N LEU D 36 13.27 0.49 8.81
CA LEU D 36 13.99 0.90 7.61
C LEU D 36 13.25 2.01 6.87
N LYS D 37 11.92 1.94 6.84
CA LYS D 37 11.15 2.91 6.05
C LYS D 37 11.24 4.31 6.63
N ILE D 38 11.43 4.44 7.95
CA ILE D 38 11.65 5.73 8.59
C ILE D 38 13.14 5.97 8.89
N GLY D 39 14.02 5.07 8.44
CA GLY D 39 15.45 5.27 8.63
C GLY D 39 15.91 5.33 10.08
N ASP D 40 15.26 4.59 10.98
CA ASP D 40 15.63 4.59 12.40
C ASP D 40 16.71 3.53 12.64
N GLU D 41 17.94 3.90 12.29
CA GLU D 41 19.05 2.95 12.43
C GLU D 41 19.37 2.64 13.89
N GLU D 42 19.11 3.58 14.80
CA GLU D 42 19.35 3.30 16.22
C GLU D 42 18.45 2.16 16.72
N SER D 43 17.18 2.17 16.31
CA SER D 43 16.27 1.10 16.72
C SER D 43 16.61 -0.21 16.01
N ILE D 44 16.92 -0.16 14.72
CA ILE D 44 17.31 -1.36 13.99
C ILE D 44 18.45 -2.07 14.72
N LYS D 45 19.47 -1.32 15.14
CA LYS D 45 20.58 -1.93 15.86
C LYS D 45 20.11 -2.56 17.17
N LEU D 46 19.31 -1.84 17.96
CA LEU D 46 18.89 -2.40 19.25
C LEU D 46 18.00 -3.63 19.07
N VAL D 47 17.17 -3.64 18.03
CA VAL D 47 16.25 -4.76 17.81
C VAL D 47 17.00 -5.97 17.28
N THR D 48 17.85 -5.78 16.28
CA THR D 48 18.64 -6.88 15.78
C THR D 48 19.51 -7.47 16.88
N GLU D 49 20.01 -6.61 17.76
CA GLU D 49 20.83 -7.07 18.87
C GLU D 49 20.03 -7.98 19.81
N ALA D 50 18.80 -7.59 20.14
CA ALA D 50 17.95 -8.43 20.98
C ALA D 50 17.60 -9.74 20.28
N LEU D 51 17.30 -9.70 18.98
CA LEU D 51 17.04 -10.92 18.24
C LEU D 51 18.23 -11.88 18.29
N GLU D 52 19.43 -11.38 17.99
CA GLU D 52 20.56 -12.29 17.83
C GLU D 52 20.94 -12.93 19.17
N LYS D 53 20.65 -12.27 20.28
CA LYS D 53 20.97 -12.74 21.62
C LYS D 53 19.95 -13.73 22.17
N GLY D 54 19.19 -14.43 21.32
CA GLY D 54 18.26 -15.46 21.75
C GLY D 54 17.32 -15.13 22.90
N GLU D 55 17.25 -13.86 23.24
CA GLU D 55 16.34 -13.29 24.23
C GLU D 55 14.84 -13.36 23.81
N ILE D 56 14.40 -14.07 22.76
CA ILE D 56 13.02 -13.96 22.29
C ILE D 56 12.53 -15.32 21.79
N LYS D 57 11.50 -15.86 22.45
CA LYS D 57 10.99 -17.18 22.13
C LYS D 57 9.64 -17.18 21.43
N SER D 58 8.94 -16.04 21.42
CA SER D 58 7.59 -16.00 20.87
C SER D 58 7.28 -14.59 20.41
N ALA D 59 6.17 -14.49 19.66
CA ALA D 59 5.68 -13.19 19.25
C ALA D 59 5.42 -12.29 20.44
N LYS D 60 4.87 -12.86 21.51
CA LYS D 60 4.54 -12.06 22.69
C LYS D 60 5.80 -11.54 23.38
N GLU D 61 6.82 -12.38 23.51
CA GLU D 61 8.09 -11.94 24.09
C GLU D 61 8.75 -10.89 23.21
N ALA D 62 8.66 -11.04 21.89
CA ALA D 62 9.20 -10.03 20.98
C ALA D 62 8.61 -8.66 21.31
N VAL D 63 7.30 -8.60 21.52
CA VAL D 63 6.65 -7.32 21.79
C VAL D 63 7.09 -6.78 23.15
N GLU D 64 7.16 -7.65 24.17
CA GLU D 64 7.58 -7.19 25.49
C GLU D 64 9.01 -6.68 25.47
N VAL D 65 9.90 -7.41 24.80
CA VAL D 65 11.31 -7.01 24.81
C VAL D 65 11.51 -5.72 24.01
N ILE D 66 10.84 -5.60 22.85
CA ILE D 66 10.97 -4.39 22.07
C ILE D 66 10.34 -3.21 22.79
N LYS D 67 9.18 -3.42 23.42
CA LYS D 67 8.56 -2.36 24.22
C LYS D 67 9.49 -1.88 25.34
N LYS D 68 10.19 -2.81 25.98
CA LYS D 68 11.08 -2.48 27.09
C LYS D 68 12.27 -1.64 26.62
N ILE D 69 12.97 -2.10 25.57
CA ILE D 69 14.07 -1.36 24.97
C ILE D 69 13.64 0.06 24.63
N ALA D 70 12.45 0.19 24.04
CA ALA D 70 12.00 1.50 23.58
C ALA D 70 11.71 2.43 24.76
N LYS D 71 11.23 1.88 25.87
CA LYS D 71 11.02 2.68 27.07
C LYS D 71 12.36 3.18 27.61
N GLU D 72 13.32 2.27 27.77
CA GLU D 72 14.57 2.60 28.43
C GLU D 72 15.45 3.52 27.60
N LYS D 73 15.36 3.45 26.26
CA LYS D 73 16.10 4.35 25.41
C LYS D 73 15.27 5.53 24.92
N GLY D 74 14.01 5.64 25.34
CA GLY D 74 13.16 6.76 24.98
C GLY D 74 12.80 6.86 23.51
N LEU D 75 12.59 5.72 22.84
CA LEU D 75 12.46 5.68 21.38
C LEU D 75 10.98 5.74 20.98
N LYS D 76 10.47 6.96 20.81
CA LYS D 76 9.06 7.16 20.51
C LYS D 76 8.65 6.47 19.21
N GLU D 77 9.51 6.50 18.20
CA GLU D 77 9.13 6.00 16.89
C GLU D 77 9.12 4.49 16.86
N LEU D 78 10.03 3.86 17.60
CA LEU D 78 10.00 2.40 17.72
C LEU D 78 8.67 1.94 18.29
N LEU D 79 8.17 2.64 19.31
CA LEU D 79 6.91 2.28 19.95
C LEU D 79 5.72 2.46 19.01
N GLN D 80 5.74 3.51 18.17
CA GLN D 80 4.69 3.67 17.19
C GLN D 80 4.68 2.50 16.23
N VAL D 81 5.86 2.15 15.73
CA VAL D 81 5.98 0.99 14.86
C VAL D 81 5.52 -0.26 15.59
N LEU D 82 5.87 -0.37 16.87
CA LEU D 82 5.58 -1.61 17.60
C LEU D 82 4.07 -1.77 17.79
N TYR D 83 3.39 -0.69 18.22
CA TYR D 83 1.94 -0.73 18.29
C TYR D 83 1.32 -1.25 17.00
N ILE D 84 1.70 -0.63 15.88
CA ILE D 84 1.06 -0.95 14.59
C ILE D 84 1.31 -2.40 14.22
N VAL D 85 2.57 -2.86 14.37
CA VAL D 85 2.89 -4.25 14.05
C VAL D 85 2.16 -5.20 15.00
N ALA D 86 2.21 -4.90 16.30
CA ALA D 86 1.64 -5.81 17.30
C ALA D 86 0.12 -5.83 17.24
N VAL D 87 -0.53 -4.67 17.09
CA VAL D 87 -1.99 -4.64 17.07
C VAL D 87 -2.51 -5.32 15.80
N GLU D 88 -1.76 -5.28 14.71
CA GLU D 88 -2.26 -5.95 13.51
C GLU D 88 -1.98 -7.45 13.60
N TYR D 89 -0.82 -7.84 14.15
CA TYR D 89 -0.61 -9.24 14.45
C TYR D 89 -1.68 -9.79 15.39
N ALA D 90 -2.05 -9.01 16.39
CA ALA D 90 -3.04 -9.50 17.35
C ALA D 90 -4.37 -9.71 16.68
N GLN D 91 -4.76 -8.78 15.80
CA GLN D 91 -6.00 -8.95 15.07
C GLN D 91 -5.95 -10.21 14.20
N GLU D 92 -4.85 -10.38 13.45
CA GLU D 92 -4.66 -11.57 12.61
C GLU D 92 -4.84 -12.86 13.41
N LYS D 93 -4.26 -12.92 14.62
CA LYS D 93 -4.15 -14.18 15.37
C LYS D 93 -5.17 -14.30 16.50
N GLY D 94 -6.10 -13.36 16.62
CA GLY D 94 -7.04 -13.40 17.74
C GLY D 94 -6.38 -13.43 19.10
N ASP D 95 -5.34 -12.61 19.29
CA ASP D 95 -4.43 -12.73 20.44
C ASP D 95 -4.60 -11.49 21.32
N GLU D 96 -5.47 -11.61 22.33
CA GLU D 96 -5.77 -10.50 23.23
C GLU D 96 -4.56 -10.09 24.07
N GLU D 97 -3.68 -11.03 24.40
CA GLU D 97 -2.46 -10.69 25.15
C GLU D 97 -1.57 -9.76 24.35
N ILE D 98 -1.38 -10.04 23.06
CA ILE D 98 -0.54 -9.17 22.25
C ILE D 98 -1.26 -7.84 21.99
N ASP D 99 -2.59 -7.86 21.79
CA ASP D 99 -3.32 -6.58 21.72
C ASP D 99 -3.09 -5.75 22.96
N LYS D 100 -3.20 -6.35 24.15
CA LYS D 100 -2.97 -5.57 25.35
C LYS D 100 -1.56 -4.99 25.37
N LEU D 101 -0.56 -5.76 24.93
CA LEU D 101 0.79 -5.22 24.83
C LEU D 101 0.85 -4.04 23.86
N ALA D 102 0.15 -4.13 22.73
CA ALA D 102 0.20 -3.06 21.74
C ALA D 102 -0.26 -1.75 22.33
N HIS D 103 -1.39 -1.76 23.06
CA HIS D 103 -1.88 -0.55 23.68
C HIS D 103 -0.96 -0.09 24.80
N GLU D 104 -0.34 -1.02 25.53
CA GLU D 104 0.69 -0.62 26.49
C GLU D 104 1.83 0.12 25.79
N ALA D 105 2.27 -0.39 24.63
CA ALA D 105 3.33 0.28 23.88
C ALA D 105 2.94 1.72 23.55
N LEU D 106 1.66 1.96 23.21
CA LEU D 106 1.23 3.31 22.92
C LEU D 106 1.22 4.18 24.18
N ARG D 107 0.86 3.59 25.32
CA ARG D 107 0.87 4.35 26.57
C ARG D 107 2.29 4.71 26.98
N VAL D 108 3.22 3.75 26.89
CA VAL D 108 4.62 4.02 27.19
C VAL D 108 5.15 5.16 26.32
N ARG D 109 4.76 5.17 25.05
CA ARG D 109 5.13 6.27 24.16
C ARG D 109 4.54 7.59 24.63
N GLN D 110 3.32 7.56 25.18
CA GLN D 110 2.66 8.79 25.61
C GLN D 110 3.40 9.44 26.78
N GLU D 111 4.03 8.62 27.64
CA GLU D 111 4.74 9.11 28.82
C GLU D 111 6.20 9.50 28.54
N LEU D 112 6.75 9.07 27.40
CA LEU D 112 8.10 9.46 26.99
C LEU D 112 8.09 10.92 26.52
N GLY E 23 -14.34 -6.26 17.18
CA GLY E 23 -15.38 -5.30 16.81
C GLY E 23 -15.04 -3.90 17.28
N THR E 24 -15.13 -3.69 18.61
CA THR E 24 -14.66 -2.45 19.22
C THR E 24 -13.22 -2.15 18.82
N HIS E 25 -12.30 -3.07 19.18
CA HIS E 25 -10.89 -2.86 18.86
C HIS E 25 -10.65 -2.81 17.36
N GLU E 26 -11.46 -3.51 16.57
CA GLU E 26 -11.22 -3.46 15.13
C GLU E 26 -11.37 -2.04 14.58
N ILE E 27 -12.40 -1.30 15.01
CA ILE E 27 -12.52 0.10 14.62
C ILE E 27 -11.47 0.95 15.32
N VAL E 28 -11.38 0.84 16.64
CA VAL E 28 -10.53 1.75 17.43
C VAL E 28 -9.07 1.59 17.06
N ASP E 29 -8.62 0.34 16.94
CA ASP E 29 -7.19 0.11 16.69
C ASP E 29 -6.77 0.66 15.35
N ARG E 30 -7.67 0.62 14.37
CA ARG E 30 -7.37 1.10 13.04
C ARG E 30 -7.35 2.63 13.02
N VAL E 31 -8.31 3.24 13.71
CA VAL E 31 -8.32 4.69 13.87
C VAL E 31 -7.00 5.14 14.49
N LEU E 32 -6.59 4.49 15.58
CA LEU E 32 -5.32 4.79 16.24
C LEU E 32 -4.16 4.72 15.25
N THR E 33 -4.05 3.58 14.54
CA THR E 33 -2.99 3.42 13.53
C THR E 33 -3.01 4.56 12.52
N GLU E 34 -4.18 4.92 12.02
CA GLU E 34 -4.24 6.00 11.02
C GLU E 34 -3.91 7.35 11.65
N LEU E 35 -4.22 7.55 12.93
CA LEU E 35 -3.85 8.80 13.57
C LEU E 35 -2.33 8.89 13.75
N LEU E 36 -1.69 7.75 14.05
CA LEU E 36 -0.22 7.77 14.18
C LEU E 36 0.43 8.17 12.86
N LYS E 37 -0.13 7.71 11.74
CA LYS E 37 0.49 7.98 10.45
C LYS E 37 0.48 9.48 10.15
N ILE E 38 -0.57 10.17 10.55
CA ILE E 38 -0.63 11.62 10.39
C ILE E 38 -0.16 12.32 11.67
N GLY E 39 0.31 11.55 12.64
CA GLY E 39 0.84 12.12 13.86
C GLY E 39 -0.11 13.01 14.64
N ASP E 40 -1.39 12.66 14.69
CA ASP E 40 -2.38 13.42 15.47
C ASP E 40 -2.39 12.90 16.91
N GLU E 41 -1.44 13.41 17.70
CA GLU E 41 -1.21 12.86 19.04
C GLU E 41 -2.36 13.18 19.99
N GLU E 42 -3.05 14.30 19.79
CA GLU E 42 -4.13 14.64 20.71
C GLU E 42 -5.34 13.74 20.50
N SER E 43 -5.68 13.43 19.22
CA SER E 43 -6.77 12.50 19.01
C SER E 43 -6.41 11.09 19.46
N ILE E 44 -5.13 10.72 19.36
CA ILE E 44 -4.73 9.41 19.87
C ILE E 44 -4.99 9.33 21.37
N LYS E 45 -4.59 10.37 22.10
CA LYS E 45 -4.85 10.40 23.54
C LYS E 45 -6.34 10.29 23.83
N LEU E 46 -7.16 11.10 23.15
CA LEU E 46 -8.59 11.14 23.44
C LEU E 46 -9.28 9.82 23.08
N VAL E 47 -8.92 9.23 21.93
CA VAL E 47 -9.58 7.98 21.54
C VAL E 47 -9.22 6.87 22.52
N THR E 48 -7.94 6.77 22.89
CA THR E 48 -7.51 5.73 23.83
C THR E 48 -8.20 5.88 25.18
N GLU E 49 -8.39 7.11 25.64
CA GLU E 49 -9.08 7.32 26.90
C GLU E 49 -10.50 6.77 26.82
N ALA E 50 -11.24 7.14 25.78
CA ALA E 50 -12.59 6.61 25.57
C ALA E 50 -12.61 5.09 25.59
N LEU E 51 -11.67 4.45 24.90
CA LEU E 51 -11.56 2.99 24.94
C LEU E 51 -11.37 2.50 26.36
N GLU E 52 -10.42 3.11 27.09
CA GLU E 52 -10.07 2.62 28.42
C GLU E 52 -11.15 2.96 29.44
N LYS E 53 -11.93 4.03 29.23
CA LYS E 53 -13.06 4.31 30.11
C LYS E 53 -14.16 3.27 30.01
N GLY E 54 -13.97 2.18 29.27
CA GLY E 54 -15.03 1.22 29.02
C GLY E 54 -16.17 1.76 28.21
N GLU E 55 -15.99 2.91 27.55
CA GLU E 55 -17.06 3.60 26.84
C GLU E 55 -17.43 2.94 25.53
N ILE E 56 -16.71 1.91 25.08
CA ILE E 56 -16.94 1.31 23.76
C ILE E 56 -17.24 -0.18 23.93
N LYS E 57 -18.39 -0.63 23.38
CA LYS E 57 -18.76 -2.03 23.46
C LYS E 57 -19.05 -2.66 22.09
N SER E 58 -19.03 -1.87 21.02
CA SER E 58 -19.30 -2.39 19.69
C SER E 58 -18.57 -1.51 18.68
N ALA E 59 -18.55 -1.98 17.43
CA ALA E 59 -18.01 -1.15 16.35
C ALA E 59 -18.87 0.08 16.16
N LYS E 60 -20.19 -0.10 16.22
CA LYS E 60 -21.13 1.01 16.13
C LYS E 60 -20.86 2.03 17.22
N GLU E 61 -20.68 1.56 18.45
CA GLU E 61 -20.42 2.47 19.56
C GLU E 61 -19.11 3.23 19.35
N ALA E 62 -18.09 2.55 18.82
CA ALA E 62 -16.82 3.22 18.59
C ALA E 62 -17.00 4.44 17.68
N VAL E 63 -17.78 4.30 16.63
CA VAL E 63 -17.91 5.40 15.67
C VAL E 63 -18.64 6.58 16.30
N GLU E 64 -19.75 6.34 17.01
CA GLU E 64 -20.49 7.44 17.59
C GLU E 64 -19.66 8.15 18.66
N VAL E 65 -19.00 7.39 19.54
CA VAL E 65 -18.15 8.01 20.56
C VAL E 65 -17.05 8.84 19.92
N ILE E 66 -16.31 8.25 18.98
CA ILE E 66 -15.22 8.98 18.33
C ILE E 66 -15.77 10.16 17.55
N LYS E 67 -16.91 9.99 16.88
CA LYS E 67 -17.56 11.10 16.17
C LYS E 67 -17.87 12.26 17.13
N LYS E 68 -18.53 11.95 18.25
CA LYS E 68 -18.85 12.97 19.24
C LYS E 68 -17.60 13.70 19.71
N ILE E 69 -16.58 12.94 20.11
CA ILE E 69 -15.34 13.55 20.59
C ILE E 69 -14.80 14.55 19.57
N ALA E 70 -14.81 14.19 18.29
CA ALA E 70 -14.19 15.02 17.27
C ALA E 70 -14.96 16.31 17.06
N LYS E 71 -16.29 16.24 17.06
CA LYS E 71 -17.12 17.43 16.94
C LYS E 71 -16.90 18.39 18.10
N GLU E 72 -16.84 17.86 19.32
CA GLU E 72 -16.67 18.70 20.52
C GLU E 72 -15.37 19.51 20.44
N LYS E 73 -14.28 18.90 20.01
CA LYS E 73 -12.97 19.55 19.98
C LYS E 73 -12.58 20.09 18.61
N GLY E 74 -13.46 19.97 17.60
CA GLY E 74 -13.19 20.50 16.29
C GLY E 74 -12.03 19.84 15.56
N LEU E 75 -12.02 18.50 15.55
CA LEU E 75 -10.90 17.73 14.99
C LEU E 75 -11.31 17.23 13.59
N LYS E 76 -10.97 18.01 12.57
CA LYS E 76 -11.32 17.64 11.20
C LYS E 76 -10.59 16.38 10.76
N GLU E 77 -9.32 16.24 11.12
CA GLU E 77 -8.56 15.08 10.67
C GLU E 77 -9.04 13.81 11.35
N LEU E 78 -9.51 13.91 12.60
CA LEU E 78 -10.09 12.74 13.26
C LEU E 78 -11.34 12.28 12.52
N LEU E 79 -12.18 13.23 12.10
CA LEU E 79 -13.40 12.83 11.40
C LEU E 79 -13.08 12.24 10.04
N GLN E 80 -12.08 12.79 9.34
CA GLN E 80 -11.61 12.20 8.09
C GLN E 80 -11.13 10.77 8.30
N VAL E 81 -10.25 10.56 9.28
CA VAL E 81 -9.81 9.19 9.60
C VAL E 81 -11.01 8.33 9.95
N LEU E 82 -11.93 8.86 10.76
CA LEU E 82 -13.06 8.07 11.19
C LEU E 82 -13.94 7.66 10.02
N TYR E 83 -14.21 8.58 9.09
CA TYR E 83 -14.98 8.20 7.90
C TYR E 83 -14.32 7.05 7.16
N ILE E 84 -13.02 7.17 6.88
CA ILE E 84 -12.34 6.17 6.07
C ILE E 84 -12.39 4.80 6.75
N VAL E 85 -12.09 4.76 8.05
CA VAL E 85 -12.03 3.49 8.77
C VAL E 85 -13.41 2.84 8.84
N ALA E 86 -14.43 3.61 9.21
CA ALA E 86 -15.77 3.04 9.34
C ALA E 86 -16.35 2.62 7.99
N VAL E 87 -16.14 3.42 6.95
CA VAL E 87 -16.76 3.09 5.67
C VAL E 87 -16.15 1.82 5.08
N GLU E 88 -14.86 1.56 5.36
CA GLU E 88 -14.25 0.31 4.93
C GLU E 88 -14.68 -0.87 5.81
N TYR E 89 -14.80 -0.64 7.12
CA TYR E 89 -15.35 -1.67 8.00
C TYR E 89 -16.78 -2.03 7.59
N ALA E 90 -17.61 -1.03 7.32
CA ALA E 90 -18.97 -1.29 6.88
C ALA E 90 -18.98 -2.07 5.57
N GLN E 91 -18.14 -1.65 4.61
CA GLN E 91 -18.03 -2.35 3.33
C GLN E 91 -17.60 -3.80 3.53
N GLU E 92 -16.63 -4.02 4.43
CA GLU E 92 -16.07 -5.36 4.61
C GLU E 92 -17.06 -6.28 5.29
N LYS E 93 -17.93 -5.74 6.14
CA LYS E 93 -18.84 -6.56 6.94
C LYS E 93 -20.27 -6.56 6.41
N GLY E 94 -20.62 -5.67 5.49
CA GLY E 94 -21.98 -5.58 5.02
C GLY E 94 -22.89 -5.00 6.09
N ASP E 95 -22.42 -3.92 6.74
CA ASP E 95 -23.09 -3.28 7.86
C ASP E 95 -23.59 -1.90 7.43
N GLU E 96 -24.92 -1.77 7.30
CA GLU E 96 -25.47 -0.51 6.80
C GLU E 96 -25.44 0.59 7.85
N GLU E 97 -25.47 0.23 9.13
CA GLU E 97 -25.48 1.22 10.18
C GLU E 97 -24.14 1.94 10.28
N ILE E 98 -23.04 1.20 10.25
CA ILE E 98 -21.72 1.82 10.27
C ILE E 98 -21.55 2.76 9.09
N ASP E 99 -22.01 2.35 7.91
CA ASP E 99 -21.88 3.22 6.74
C ASP E 99 -22.58 4.55 6.98
N LYS E 100 -23.77 4.52 7.56
CA LYS E 100 -24.50 5.76 7.86
C LYS E 100 -23.68 6.68 8.76
N LEU E 101 -23.12 6.12 9.85
CA LEU E 101 -22.32 6.93 10.76
C LEU E 101 -21.07 7.50 10.08
N ALA E 102 -20.47 6.75 9.16
CA ALA E 102 -19.29 7.24 8.46
C ALA E 102 -19.61 8.49 7.65
N HIS E 103 -20.70 8.45 6.89
CA HIS E 103 -21.13 9.61 6.13
C HIS E 103 -21.54 10.76 7.05
N GLU E 104 -22.16 10.45 8.18
CA GLU E 104 -22.48 11.49 9.14
C GLU E 104 -21.22 12.10 9.74
N ALA E 105 -20.15 11.32 9.89
CA ALA E 105 -18.88 11.88 10.36
C ALA E 105 -18.38 12.96 9.39
N LEU E 106 -18.37 12.66 8.10
CA LEU E 106 -17.98 13.65 7.11
C LEU E 106 -18.88 14.89 7.16
N ARG E 107 -20.16 14.68 7.45
CA ARG E 107 -21.08 15.81 7.57
C ARG E 107 -20.69 16.71 8.74
N VAL E 108 -20.43 16.10 9.91
CA VAL E 108 -19.86 16.87 11.02
C VAL E 108 -18.61 17.61 10.57
N ARG E 109 -17.76 16.93 9.80
CA ARG E 109 -16.51 17.53 9.37
C ARG E 109 -16.78 18.74 8.49
N GLN E 110 -17.75 18.61 7.58
CA GLN E 110 -18.14 19.72 6.73
C GLN E 110 -18.64 20.90 7.56
N GLU E 111 -19.45 20.61 8.57
CA GLU E 111 -20.16 21.64 9.31
C GLU E 111 -19.34 22.23 10.45
N LEU E 112 -18.10 21.80 10.62
CA LEU E 112 -17.21 22.50 11.55
C LEU E 112 -17.01 23.94 11.09
ZN ZN F . -21.34 4.77 2.06
ZN ZN G . -10.38 -0.94 -19.37
ZN ZN H . 11.15 -11.88 -13.94
ZN ZN I . 13.52 -13.17 10.27
ZN ZN J . -6.78 -3.20 20.50
#